data_1YVM
#
_entry.id   1YVM
#
_cell.length_a   38.91
_cell.length_b   66.13
_cell.length_c   48.53
_cell.angle_alpha   90.00
_cell.angle_beta   111.25
_cell.angle_gamma   90.00
#
_symmetry.space_group_name_H-M   'P 1 21 1'
#
loop_
_entity.id
_entity.type
_entity.pdbx_description
1 polymer 'Methionine aminopeptidase'
2 non-polymer 'COBALT (II) ION'
3 non-polymer 'SODIUM ION'
4 non-polymer 2-(1,3-THIAZOL-4-YL)-1H-BENZIMIDAZOLE
5 water water
#
_entity_poly.entity_id   1
_entity_poly.type   'polypeptide(L)'
_entity_poly.pdbx_seq_one_letter_code
;MAISIKTPEDIEKMRVAGRLAAEVLEMIEPYVKPGVSTGELDRICNDYIVNEQHAVSACLGYHGYPKSVCISINEVVCHG
IPDDAKLLKDGDIVNIDVTVIKDGFHGDTSKMFIVGKPTIMGERLCRITQESLYLALRMVKPGINLREIGAAIQKFVEAE
GFSVVREYCGHGIGQGFHEEPQVLHYDSRETNVVLKPGMTFTIEPMVNAGKKEIRTMKDGWTVKTKDRSLSAQYEHTIVV
TDNGCEILTLRKDDTIPAIISHDE
;
_entity_poly.pdbx_strand_id   A
#
# COMPACT_ATOMS: atom_id res chain seq x y z
N ALA A 2 14.24 8.16 -12.19
CA ALA A 2 14.50 8.71 -13.52
C ALA A 2 14.07 10.17 -13.63
N ILE A 3 12.83 10.59 -13.52
CA ILE A 3 11.57 9.90 -13.38
C ILE A 3 11.04 9.54 -14.78
N SER A 4 10.71 8.28 -14.97
CA SER A 4 10.22 7.46 -16.04
C SER A 4 8.77 7.78 -16.38
N ILE A 5 8.56 8.17 -17.63
CA ILE A 5 7.23 8.37 -18.19
C ILE A 5 6.81 7.17 -19.04
N LYS A 6 5.71 6.54 -18.69
CA LYS A 6 5.21 5.36 -19.38
C LYS A 6 4.43 5.71 -20.62
N THR A 7 4.69 4.94 -21.67
CA THR A 7 3.91 5.10 -22.90
C THR A 7 2.52 4.52 -22.70
N PRO A 8 1.59 4.77 -23.61
CA PRO A 8 0.26 4.15 -23.49
C PRO A 8 0.32 2.63 -23.42
N GLU A 9 1.27 2.02 -24.12
CA GLU A 9 1.40 0.56 -24.10
C GLU A 9 1.79 0.01 -22.74
N ASP A 10 2.75 0.64 -22.11
CA ASP A 10 3.31 0.50 -20.80
C ASP A 10 2.15 0.65 -19.78
N ILE A 11 1.33 1.66 -20.02
CA ILE A 11 0.27 1.95 -19.07
C ILE A 11 -0.79 0.86 -19.09
N GLU A 12 -1.04 0.35 -20.30
CA GLU A 12 -2.00 -0.74 -20.42
C GLU A 12 -1.48 -1.98 -19.69
N LYS A 13 -0.19 -2.23 -19.81
CA LYS A 13 0.37 -3.36 -19.06
C LYS A 13 0.31 -3.09 -17.56
N MET A 14 0.32 -1.83 -17.15
CA MET A 14 0.21 -1.61 -15.70
C MET A 14 -1.21 -1.79 -15.22
N ARG A 15 -2.17 -1.48 -16.09
CA ARG A 15 -3.56 -1.74 -15.83
C ARG A 15 -3.78 -3.23 -15.56
N VAL A 16 -3.12 -4.04 -16.39
CA VAL A 16 -3.28 -5.49 -16.18
C VAL A 16 -2.60 -5.95 -14.89
N ALA A 17 -1.39 -5.50 -14.59
CA ALA A 17 -0.70 -5.96 -13.38
C ALA A 17 -1.42 -5.42 -12.13
N GLY A 18 -1.89 -4.17 -12.24
CA GLY A 18 -2.63 -3.55 -11.14
C GLY A 18 -3.93 -4.25 -10.83
N ARG A 19 -4.67 -4.64 -11.87
CA ARG A 19 -5.88 -5.42 -11.64
C ARG A 19 -5.56 -6.74 -10.97
N LEU A 20 -4.52 -7.43 -11.43
CA LEU A 20 -4.15 -8.71 -10.82
C LEU A 20 -3.80 -8.55 -9.35
N ALA A 21 -3.06 -7.49 -9.04
CA ALA A 21 -2.69 -7.26 -7.65
C ALA A 21 -3.94 -7.04 -6.82
N ALA A 22 -4.84 -6.20 -7.32
CA ALA A 22 -6.09 -5.94 -6.63
C ALA A 22 -6.95 -7.19 -6.43
N GLU A 23 -6.99 -8.00 -7.47
CA GLU A 23 -7.71 -9.27 -7.43
C GLU A 23 -7.13 -10.19 -6.36
N VAL A 24 -5.82 -10.15 -6.10
CA VAL A 24 -5.34 -11.01 -5.01
C VAL A 24 -5.99 -10.59 -3.68
N LEU A 25 -6.11 -9.29 -3.48
CA LEU A 25 -6.69 -8.72 -2.27
C LEU A 25 -8.18 -9.02 -2.18
N GLU A 26 -8.89 -9.00 -3.28
CA GLU A 26 -10.33 -9.37 -3.19
C GLU A 26 -10.47 -10.86 -2.87
N MET A 27 -9.58 -11.68 -3.44
CA MET A 27 -9.63 -13.12 -3.29
C MET A 27 -9.40 -13.56 -1.86
N ILE A 28 -8.43 -12.91 -1.22
CA ILE A 28 -7.95 -13.45 0.05
C ILE A 28 -8.91 -13.17 1.19
N GLU A 29 -9.81 -12.21 1.03
CA GLU A 29 -10.66 -11.71 2.12
C GLU A 29 -11.37 -12.77 2.94
N PRO A 30 -12.09 -13.72 2.34
CA PRO A 30 -12.89 -14.63 3.15
C PRO A 30 -11.99 -15.57 3.94
N TYR A 31 -10.70 -15.62 3.58
CA TYR A 31 -9.81 -16.49 4.32
C TYR A 31 -9.27 -15.85 5.60
N VAL A 32 -9.42 -14.54 5.66
CA VAL A 32 -8.93 -13.79 6.81
C VAL A 32 -9.92 -13.84 7.98
N LYS A 33 -9.70 -14.85 8.81
CA LYS A 33 -10.54 -15.12 9.96
C LYS A 33 -9.77 -15.53 11.19
N PRO A 34 -10.38 -15.50 12.38
CA PRO A 34 -9.65 -15.96 13.55
C PRO A 34 -9.16 -17.38 13.44
N GLY A 35 -7.93 -17.67 13.83
CA GLY A 35 -7.42 -19.02 13.69
C GLY A 35 -6.63 -19.31 12.44
N VAL A 36 -6.57 -18.38 11.49
CA VAL A 36 -5.78 -18.69 10.29
C VAL A 36 -4.39 -18.18 10.51
N SER A 37 -3.33 -18.76 9.95
CA SER A 37 -2.04 -18.15 10.22
C SER A 37 -1.62 -17.27 9.02
N THR A 38 -0.72 -16.35 9.28
CA THR A 38 -0.33 -15.49 8.12
C THR A 38 0.44 -16.33 7.11
N GLY A 39 1.06 -17.41 7.57
CA GLY A 39 1.74 -18.31 6.64
C GLY A 39 0.89 -18.92 5.58
N GLU A 40 -0.30 -19.42 5.87
CA GLU A 40 -1.28 -20.01 5.01
C GLU A 40 -1.82 -18.92 4.07
N LEU A 41 -2.09 -17.75 4.65
CA LEU A 41 -2.55 -16.66 3.78
C LEU A 41 -1.54 -16.38 2.69
N ASP A 42 -0.25 -16.30 3.05
CA ASP A 42 0.80 -16.09 2.05
C ASP A 42 0.87 -17.21 1.01
N ARG A 43 0.70 -18.46 1.41
CA ARG A 43 0.69 -19.57 0.45
C ARG A 43 -0.46 -19.50 -0.52
N ILE A 44 -1.60 -19.06 0.02
CA ILE A 44 -2.80 -19.03 -0.82
C ILE A 44 -2.59 -17.99 -1.91
N CYS A 45 -2.00 -16.88 -1.48
CA CYS A 45 -1.71 -15.78 -2.39
C CYS A 45 -0.70 -16.17 -3.46
N ASN A 46 0.39 -16.80 -3.08
CA ASN A 46 1.39 -17.19 -4.07
C ASN A 46 0.86 -18.22 -5.06
N ASP A 47 0.20 -19.25 -4.51
CA ASP A 47 -0.47 -20.24 -5.36
C ASP A 47 -1.38 -19.59 -6.38
N TYR A 48 -2.16 -18.62 -5.90
CA TYR A 48 -3.07 -17.92 -6.79
C TYR A 48 -2.35 -17.09 -7.82
N ILE A 49 -1.37 -16.31 -7.36
CA ILE A 49 -0.65 -15.49 -8.34
C ILE A 49 0.01 -16.31 -9.43
N VAL A 50 0.74 -17.33 -9.00
CA VAL A 50 1.49 -18.17 -9.92
C VAL A 50 0.63 -19.07 -10.80
N ASN A 51 -0.25 -19.85 -10.19
CA ASN A 51 -0.98 -20.89 -10.92
C ASN A 51 -2.32 -20.47 -11.49
N GLU A 52 -2.97 -19.42 -10.99
CA GLU A 52 -4.19 -18.95 -11.64
C GLU A 52 -3.90 -17.71 -12.47
N GLN A 53 -3.17 -16.75 -11.88
CA GLN A 53 -2.92 -15.50 -12.60
C GLN A 53 -1.82 -15.64 -13.65
N HIS A 54 -0.99 -16.67 -13.56
CA HIS A 54 0.09 -16.78 -14.55
C HIS A 54 1.00 -15.56 -14.51
N ALA A 55 1.26 -15.16 -13.27
CA ALA A 55 2.10 -14.03 -12.97
C ALA A 55 3.07 -14.44 -11.88
N VAL A 56 3.82 -13.51 -11.32
CA VAL A 56 4.67 -13.84 -10.20
C VAL A 56 4.64 -12.74 -9.13
N SER A 57 4.99 -13.12 -7.90
CA SER A 57 5.16 -12.16 -6.83
C SER A 57 6.47 -11.41 -6.98
N ALA A 58 6.40 -10.07 -6.98
CA ALA A 58 7.61 -9.27 -6.97
C ALA A 58 8.41 -9.33 -5.68
N CYS A 59 7.77 -9.67 -4.57
CA CYS A 59 8.38 -9.83 -3.28
C CYS A 59 9.32 -11.01 -3.16
N LEU A 60 8.89 -12.13 -3.74
CA LEU A 60 9.61 -13.40 -3.53
C LEU A 60 11.01 -13.33 -4.12
N GLY A 61 12.02 -13.43 -3.29
CA GLY A 61 13.40 -13.38 -3.75
C GLY A 61 14.01 -12.00 -3.81
N TYR A 62 13.17 -10.95 -3.78
CA TYR A 62 13.64 -9.56 -3.96
C TYR A 62 14.47 -9.14 -2.78
N HIS A 63 15.77 -8.91 -2.94
CA HIS A 63 16.68 -8.65 -1.84
C HIS A 63 16.67 -9.81 -0.82
N GLY A 64 16.25 -11.00 -1.26
CA GLY A 64 16.25 -12.17 -0.43
C GLY A 64 15.00 -12.36 0.41
N TYR A 65 14.00 -11.52 0.22
CA TYR A 65 12.76 -11.75 0.98
C TYR A 65 12.22 -13.14 0.69
N PRO A 66 11.84 -13.90 1.72
CA PRO A 66 11.51 -15.31 1.54
C PRO A 66 10.07 -15.69 1.24
N LYS A 67 9.16 -14.72 1.30
CA LYS A 67 7.75 -15.04 1.10
C LYS A 67 7.16 -14.23 -0.04
N SER A 68 5.85 -14.33 -0.29
CA SER A 68 5.29 -13.73 -1.49
C SER A 68 4.49 -12.45 -1.30
N VAL A 69 3.99 -12.21 -0.10
CA VAL A 69 3.36 -10.94 0.24
C VAL A 69 3.92 -10.51 1.60
N CYS A 70 3.69 -9.30 2.04
CA CYS A 70 3.92 -8.78 3.38
C CYS A 70 2.62 -8.66 4.17
N ILE A 71 2.61 -9.24 5.36
CA ILE A 71 1.44 -9.27 6.26
C ILE A 71 1.80 -8.67 7.60
N SER A 72 1.18 -7.54 7.93
CA SER A 72 1.49 -6.72 9.07
C SER A 72 0.34 -6.59 10.03
N ILE A 73 0.48 -7.15 11.23
CA ILE A 73 -0.58 -7.14 12.24
C ILE A 73 -0.38 -6.12 13.35
N ASN A 74 -1.42 -5.42 13.75
CA ASN A 74 -1.54 -4.52 14.90
C ASN A 74 -0.41 -3.49 14.96
N GLU A 75 0.49 -3.59 15.90
CA GLU A 75 1.61 -2.64 16.01
C GLU A 75 2.68 -2.78 14.96
N VAL A 76 2.72 -3.86 14.22
CA VAL A 76 3.60 -3.95 13.06
C VAL A 76 3.13 -2.89 12.05
N VAL A 77 4.02 -2.04 11.61
CA VAL A 77 3.76 -0.92 10.69
C VAL A 77 3.81 -1.39 9.24
N CYS A 78 4.80 -2.23 8.94
CA CYS A 78 5.02 -2.76 7.62
C CYS A 78 6.07 -3.88 7.55
N HIS A 79 6.06 -4.61 6.45
CA HIS A 79 7.00 -5.63 6.08
C HIS A 79 6.96 -6.82 7.04
N GLY A 80 5.83 -7.00 7.72
CA GLY A 80 5.60 -8.24 8.44
C GLY A 80 5.82 -9.45 7.58
N ILE A 81 6.53 -10.47 8.13
CA ILE A 81 6.86 -11.63 7.32
C ILE A 81 5.84 -12.74 7.62
N PRO A 82 5.17 -13.26 6.62
CA PRO A 82 4.28 -14.39 6.91
C PRO A 82 5.05 -15.55 7.54
N ASP A 83 4.40 -16.33 8.37
CA ASP A 83 4.78 -17.29 9.35
C ASP A 83 3.62 -18.23 9.72
N ASP A 84 3.83 -19.51 9.54
CA ASP A 84 2.90 -20.58 9.83
C ASP A 84 2.50 -20.58 11.29
N ALA A 85 3.36 -20.00 12.13
CA ALA A 85 3.01 -20.05 13.56
C ALA A 85 2.25 -18.81 14.04
N LYS A 86 2.12 -17.77 13.23
CA LYS A 86 1.42 -16.55 13.63
C LYS A 86 -0.06 -16.60 13.26
N LEU A 87 -0.92 -16.70 14.26
CA LEU A 87 -2.33 -16.85 14.10
C LEU A 87 -3.11 -15.57 14.38
N LEU A 88 -4.10 -15.29 13.56
CA LEU A 88 -4.94 -14.12 13.69
C LEU A 88 -6.06 -14.42 14.68
N LYS A 89 -6.51 -13.34 15.30
CA LYS A 89 -7.51 -13.50 16.33
C LYS A 89 -8.43 -12.27 16.30
N ASP A 90 -9.52 -12.37 17.03
CA ASP A 90 -10.48 -11.29 17.08
C ASP A 90 -9.85 -9.94 17.44
N GLY A 91 -10.26 -8.95 16.65
CA GLY A 91 -9.91 -7.56 16.86
C GLY A 91 -8.65 -7.14 16.13
N ASP A 92 -7.89 -8.13 15.66
CA ASP A 92 -6.65 -7.81 14.96
C ASP A 92 -6.92 -6.95 13.75
N ILE A 93 -5.98 -6.05 13.45
CA ILE A 93 -6.02 -5.37 12.16
C ILE A 93 -4.79 -5.83 11.39
N VAL A 94 -5.01 -6.09 10.09
CA VAL A 94 -3.99 -6.80 9.35
C VAL A 94 -3.89 -6.19 7.96
N ASN A 95 -2.69 -5.76 7.62
CA ASN A 95 -2.38 -5.27 6.29
C ASN A 95 -1.81 -6.40 5.45
N ILE A 96 -2.35 -6.53 4.25
CA ILE A 96 -1.75 -7.40 3.25
C ILE A 96 -1.30 -6.55 2.07
N ASP A 97 0.04 -6.60 1.84
CA ASP A 97 0.61 -5.76 0.77
C ASP A 97 1.10 -6.72 -0.31
N VAL A 98 0.54 -6.53 -1.50
CA VAL A 98 0.70 -7.39 -2.65
C VAL A 98 1.40 -6.65 -3.78
N THR A 99 2.38 -7.34 -4.39
CA THR A 99 2.92 -6.74 -5.59
C THR A 99 3.13 -7.86 -6.60
N VAL A 100 2.48 -7.71 -7.72
CA VAL A 100 2.46 -8.68 -8.79
C VAL A 100 3.22 -8.15 -10.00
N ILE A 101 4.00 -9.02 -10.65
CA ILE A 101 4.59 -8.69 -11.94
C ILE A 101 3.92 -9.49 -13.04
N LYS A 102 3.46 -8.85 -14.11
CA LYS A 102 2.86 -9.48 -15.27
C LYS A 102 3.42 -8.82 -16.52
N ASP A 103 4.05 -9.57 -17.42
CA ASP A 103 4.54 -8.95 -18.67
C ASP A 103 5.50 -7.80 -18.40
N GLY A 104 6.29 -8.00 -17.35
CA GLY A 104 7.35 -7.13 -16.94
C GLY A 104 6.96 -5.92 -16.12
N PHE A 105 5.65 -5.72 -15.93
CA PHE A 105 5.21 -4.53 -15.22
C PHE A 105 4.65 -4.90 -13.87
N HIS A 106 4.86 -4.03 -12.90
CA HIS A 106 4.43 -4.23 -11.52
C HIS A 106 3.08 -3.56 -11.18
N GLY A 107 2.33 -4.22 -10.31
CA GLY A 107 1.11 -3.67 -9.73
C GLY A 107 1.23 -3.81 -8.21
N ASP A 108 1.07 -2.76 -7.42
CA ASP A 108 1.32 -2.73 -5.98
C ASP A 108 0.15 -2.12 -5.20
N THR A 109 -0.37 -2.86 -4.26
CA THR A 109 -1.55 -2.40 -3.52
C THR A 109 -1.67 -3.13 -2.20
N SER A 110 -2.27 -2.49 -1.20
CA SER A 110 -2.45 -3.07 0.12
C SER A 110 -3.74 -2.51 0.70
N LYS A 111 -4.28 -3.33 1.60
CA LYS A 111 -5.49 -2.91 2.33
C LYS A 111 -5.46 -3.53 3.72
N MET A 112 -6.31 -2.99 4.59
CA MET A 112 -6.48 -3.51 5.93
C MET A 112 -7.70 -4.45 5.95
N PHE A 113 -7.51 -5.46 6.78
CA PHE A 113 -8.59 -6.38 7.12
C PHE A 113 -8.78 -6.35 8.64
N ILE A 114 -10.01 -6.25 9.12
CA ILE A 114 -10.21 -6.49 10.56
C ILE A 114 -10.74 -7.90 10.74
N VAL A 115 -10.11 -8.61 11.67
CA VAL A 115 -10.41 -10.00 11.93
C VAL A 115 -11.48 -10.19 13.00
N GLY A 116 -12.50 -10.95 12.62
CA GLY A 116 -13.61 -11.26 13.53
C GLY A 116 -14.28 -9.98 14.02
N LYS A 117 -14.45 -9.90 15.33
CA LYS A 117 -15.07 -8.81 16.05
C LYS A 117 -14.16 -7.58 16.11
N PRO A 118 -14.55 -6.51 15.42
CA PRO A 118 -13.69 -5.32 15.41
C PRO A 118 -13.59 -4.65 16.77
N THR A 119 -12.46 -3.97 16.98
CA THR A 119 -12.47 -3.06 18.14
C THR A 119 -12.69 -1.64 17.64
N ILE A 120 -13.15 -0.72 18.47
CA ILE A 120 -13.36 0.65 17.97
C ILE A 120 -12.14 1.33 17.44
N MET A 121 -11.01 1.26 18.13
CA MET A 121 -9.79 1.92 17.63
C MET A 121 -9.36 1.36 16.26
N GLY A 122 -9.45 0.07 16.04
CA GLY A 122 -9.09 -0.62 14.80
C GLY A 122 -9.94 -0.11 13.64
N GLU A 123 -11.24 -0.05 13.85
CA GLU A 123 -12.15 0.42 12.81
C GLU A 123 -11.82 1.86 12.45
N ARG A 124 -11.62 2.65 13.51
CA ARG A 124 -11.37 4.07 13.26
C ARG A 124 -10.04 4.27 12.56
N LEU A 125 -9.03 3.57 13.08
CA LEU A 125 -7.70 3.81 12.48
C LEU A 125 -7.70 3.38 11.01
N CYS A 126 -8.33 2.25 10.73
CA CYS A 126 -8.38 1.78 9.33
C CYS A 126 -9.13 2.77 8.46
N ARG A 127 -10.25 3.31 8.98
CA ARG A 127 -11.08 4.19 8.19
C ARG A 127 -10.34 5.49 7.88
N ILE A 128 -9.71 6.08 8.89
CA ILE A 128 -8.98 7.33 8.72
C ILE A 128 -7.79 7.13 7.80
N THR A 129 -7.13 5.98 7.90
CA THR A 129 -5.98 5.74 7.01
C THR A 129 -6.45 5.70 5.55
N GLN A 130 -7.55 5.00 5.33
CA GLN A 130 -8.05 4.88 3.98
C GLN A 130 -8.46 6.23 3.42
N GLU A 131 -9.11 7.02 4.29
CA GLU A 131 -9.56 8.35 3.91
C GLU A 131 -8.36 9.23 3.61
N SER A 132 -7.22 8.98 4.25
CA SER A 132 -6.05 9.79 3.94
C SER A 132 -5.48 9.46 2.56
N LEU A 133 -5.46 8.19 2.16
CA LEU A 133 -5.10 7.75 0.84
C LEU A 133 -6.04 8.39 -0.21
N TYR A 134 -7.34 8.31 0.07
CA TYR A 134 -8.31 8.85 -0.89
C TYR A 134 -8.13 10.35 -1.06
N LEU A 135 -7.91 11.12 0.02
CA LEU A 135 -7.71 12.55 -0.17
C LEU A 135 -6.51 12.88 -1.05
N ALA A 136 -5.48 12.06 -0.91
CA ALA A 136 -4.26 12.29 -1.70
C ALA A 136 -4.53 11.96 -3.16
N LEU A 137 -5.18 10.82 -3.40
CA LEU A 137 -5.58 10.43 -4.75
C LEU A 137 -6.39 11.54 -5.41
N ARG A 138 -7.28 12.17 -4.65
CA ARG A 138 -8.14 13.18 -5.27
C ARG A 138 -7.30 14.39 -5.66
N MET A 139 -6.04 14.52 -5.25
CA MET A 139 -5.27 15.72 -5.58
C MET A 139 -4.39 15.53 -6.81
N VAL A 140 -4.15 14.28 -7.19
CA VAL A 140 -3.16 14.04 -8.21
C VAL A 140 -3.61 14.57 -9.57
N LYS A 141 -2.76 15.38 -10.17
CA LYS A 141 -2.98 15.83 -11.55
C LYS A 141 -1.73 16.49 -12.10
N PRO A 142 -1.62 16.70 -13.41
CA PRO A 142 -0.39 17.32 -13.91
C PRO A 142 -0.28 18.73 -13.32
N GLY A 143 0.98 19.09 -13.08
CA GLY A 143 1.28 20.39 -12.55
C GLY A 143 1.40 20.46 -11.06
N ILE A 144 0.73 19.56 -10.34
CA ILE A 144 0.80 19.61 -8.88
C ILE A 144 2.15 19.15 -8.36
N ASN A 145 2.54 19.68 -7.21
CA ASN A 145 3.76 19.19 -6.56
C ASN A 145 3.44 18.13 -5.52
N LEU A 146 4.24 17.06 -5.52
CA LEU A 146 4.09 16.03 -4.49
C LEU A 146 4.17 16.63 -3.09
N ARG A 147 4.96 17.68 -2.88
CA ARG A 147 4.95 18.25 -1.50
C ARG A 147 3.56 18.58 -1.02
N GLU A 148 2.73 19.12 -1.92
CA GLU A 148 1.37 19.51 -1.50
C GLU A 148 0.58 18.29 -1.04
N ILE A 149 0.79 17.19 -1.77
CA ILE A 149 0.04 15.98 -1.48
C ILE A 149 0.47 15.40 -0.12
N GLY A 150 1.78 15.30 0.14
CA GLY A 150 2.22 14.83 1.45
C GLY A 150 1.74 15.74 2.55
N ALA A 151 1.76 17.05 2.29
CA ALA A 151 1.29 17.97 3.32
C ALA A 151 -0.16 17.74 3.67
N ALA A 152 -0.98 17.51 2.65
CA ALA A 152 -2.41 17.32 2.87
C ALA A 152 -2.70 16.02 3.62
N ILE A 153 -1.93 14.97 3.34
CA ILE A 153 -2.08 13.72 4.10
C ILE A 153 -1.85 13.95 5.58
N GLN A 154 -0.71 14.55 5.87
CA GLN A 154 -0.33 14.84 7.24
C GLN A 154 -1.28 15.73 8.01
N LYS A 155 -1.72 16.81 7.39
CA LYS A 155 -2.67 17.71 8.03
C LYS A 155 -3.91 16.95 8.46
N PHE A 156 -4.48 16.14 7.58
CA PHE A 156 -5.69 15.38 7.81
C PHE A 156 -5.49 14.36 8.93
N VAL A 157 -4.41 13.60 8.80
CA VAL A 157 -4.18 12.54 9.79
C VAL A 157 -3.99 13.10 11.21
N GLU A 158 -3.19 14.17 11.29
CA GLU A 158 -2.89 14.82 12.59
C GLU A 158 -4.15 15.43 13.15
N ALA A 159 -4.98 16.10 12.34
CA ALA A 159 -6.24 16.66 12.79
C ALA A 159 -7.17 15.57 13.32
N GLU A 160 -6.92 14.34 12.88
CA GLU A 160 -7.77 13.26 13.40
C GLU A 160 -7.09 12.57 14.57
N GLY A 161 -6.07 13.16 15.16
CA GLY A 161 -5.54 12.58 16.38
C GLY A 161 -4.47 11.53 16.21
N PHE A 162 -4.04 11.31 14.97
CA PHE A 162 -3.11 10.27 14.61
C PHE A 162 -1.82 10.83 14.06
N SER A 163 -0.91 9.92 13.71
CA SER A 163 0.40 10.37 13.24
C SER A 163 0.85 9.63 11.99
N VAL A 164 1.78 10.26 11.26
CA VAL A 164 2.23 9.75 9.97
C VAL A 164 3.65 9.20 10.01
N VAL A 165 3.84 7.96 9.61
CA VAL A 165 5.18 7.35 9.60
C VAL A 165 6.08 8.04 8.58
N ARG A 166 7.26 8.48 9.04
CA ARG A 166 8.14 9.31 8.21
C ARG A 166 9.06 8.49 7.33
N GLU A 167 9.52 7.37 7.86
CA GLU A 167 10.65 6.67 7.29
C GLU A 167 10.27 5.84 6.07
N TYR A 168 8.96 5.74 5.86
CA TYR A 168 8.51 4.94 4.73
C TYR A 168 7.61 5.77 3.82
N CYS A 169 7.71 5.56 2.50
CA CYS A 169 6.93 6.36 1.56
C CYS A 169 6.42 5.53 0.38
N GLY A 170 5.66 6.23 -0.44
CA GLY A 170 5.26 5.74 -1.74
C GLY A 170 6.39 5.80 -2.72
N HIS A 171 6.19 5.29 -3.94
CA HIS A 171 7.28 5.20 -4.90
C HIS A 171 6.80 5.09 -6.33
N GLY A 172 7.68 5.58 -7.24
CA GLY A 172 7.43 5.26 -8.63
C GLY A 172 7.48 3.74 -8.75
N ILE A 173 6.89 3.27 -9.83
CA ILE A 173 6.73 1.86 -10.16
C ILE A 173 6.47 1.69 -11.64
N GLY A 174 6.98 0.58 -12.18
CA GLY A 174 6.73 0.25 -13.57
C GLY A 174 7.44 -1.07 -13.85
N GLN A 175 8.47 -1.04 -14.68
CA GLN A 175 9.21 -2.29 -14.92
C GLN A 175 10.09 -2.60 -13.73
N GLY A 176 10.30 -1.61 -12.87
CA GLY A 176 10.94 -1.65 -11.60
C GLY A 176 9.91 -1.54 -10.47
N PHE A 177 10.17 -2.21 -9.35
CA PHE A 177 9.27 -2.18 -8.18
C PHE A 177 9.28 -0.83 -7.49
N HIS A 178 10.45 -0.33 -7.13
CA HIS A 178 10.62 0.88 -6.35
C HIS A 178 11.49 1.80 -7.23
N GLU A 179 10.82 2.65 -7.97
CA GLU A 179 11.39 3.64 -8.86
C GLU A 179 11.27 5.02 -8.24
N GLU A 180 11.97 5.97 -8.83
CA GLU A 180 11.73 7.34 -8.39
C GLU A 180 10.38 7.78 -8.91
N PRO A 181 9.77 8.75 -8.26
CA PRO A 181 10.27 9.40 -7.08
C PRO A 181 9.79 8.73 -5.81
N GLN A 182 10.37 9.11 -4.70
CA GLN A 182 9.86 8.96 -3.36
C GLN A 182 8.61 9.83 -3.17
N VAL A 183 7.60 9.18 -2.59
CA VAL A 183 6.31 9.83 -2.38
C VAL A 183 6.02 9.89 -0.89
N LEU A 184 6.46 11.03 -0.33
CA LEU A 184 6.37 11.20 1.10
C LEU A 184 4.92 11.48 1.52
N HIS A 185 4.52 11.01 2.68
CA HIS A 185 3.15 11.23 3.14
C HIS A 185 3.00 12.34 4.16
N TYR A 186 3.97 13.26 4.12
CA TYR A 186 3.98 14.38 5.03
C TYR A 186 4.71 15.55 4.37
N ASP A 187 4.58 16.73 4.99
CA ASP A 187 5.24 17.92 4.46
C ASP A 187 6.75 17.87 4.65
N SER A 188 7.47 18.01 3.54
CA SER A 188 8.90 18.21 3.68
C SER A 188 9.38 19.28 2.72
N ARG A 189 10.27 20.14 3.24
CA ARG A 189 10.87 21.14 2.37
C ARG A 189 11.79 20.51 1.32
N GLU A 190 12.18 19.27 1.53
CA GLU A 190 13.01 18.47 0.65
C GLU A 190 12.26 18.07 -0.62
N THR A 191 10.93 18.03 -0.51
CA THR A 191 10.16 17.52 -1.65
C THR A 191 9.87 18.56 -2.73
N ASN A 192 10.27 18.26 -3.97
CA ASN A 192 9.85 19.21 -5.01
C ASN A 192 9.77 18.40 -6.30
N VAL A 193 8.58 17.79 -6.50
CA VAL A 193 8.41 16.98 -7.72
C VAL A 193 7.14 17.42 -8.41
N VAL A 194 7.21 18.01 -9.59
CA VAL A 194 6.02 18.38 -10.35
C VAL A 194 5.55 17.20 -11.18
N LEU A 195 4.27 16.87 -11.10
CA LEU A 195 3.72 15.70 -11.79
C LEU A 195 3.48 15.98 -13.26
N LYS A 196 3.72 14.96 -14.07
CA LYS A 196 3.49 14.95 -15.51
C LYS A 196 2.62 13.76 -15.92
N PRO A 197 1.81 13.90 -16.96
CA PRO A 197 1.02 12.76 -17.35
C PRO A 197 1.95 11.59 -17.75
N GLY A 198 1.50 10.38 -17.45
CA GLY A 198 2.23 9.15 -17.73
C GLY A 198 3.18 8.70 -16.67
N MET A 199 3.36 9.51 -15.62
CA MET A 199 4.05 9.01 -14.44
C MET A 199 3.14 7.98 -13.76
N THR A 200 3.79 6.98 -13.19
CA THR A 200 3.09 5.97 -12.41
C THR A 200 3.81 5.81 -11.08
N PHE A 201 3.06 5.80 -9.99
CA PHE A 201 3.61 5.75 -8.64
C PHE A 201 2.49 5.26 -7.71
N THR A 202 2.95 4.93 -6.51
CA THR A 202 2.06 4.47 -5.44
C THR A 202 1.90 5.55 -4.38
N ILE A 203 0.79 5.52 -3.66
CA ILE A 203 0.54 6.33 -2.45
C ILE A 203 0.15 5.30 -1.39
N GLU A 204 0.84 5.35 -0.26
CA GLU A 204 0.71 4.20 0.65
C GLU A 204 0.94 4.63 2.09
N PRO A 205 0.12 5.54 2.58
CA PRO A 205 0.37 6.09 3.91
C PRO A 205 0.26 5.03 5.01
N MET A 206 1.23 5.12 5.92
CA MET A 206 1.32 4.36 7.14
C MET A 206 0.94 5.31 8.29
N VAL A 207 -0.12 4.98 9.03
CA VAL A 207 -0.62 5.88 10.05
C VAL A 207 -0.64 5.16 11.40
N ASN A 208 -0.09 5.77 12.44
CA ASN A 208 -0.02 5.21 13.79
C ASN A 208 -1.09 5.83 14.68
N ALA A 209 -1.74 5.02 15.52
CA ALA A 209 -2.79 5.61 16.35
C ALA A 209 -2.17 6.50 17.43
N GLY A 210 -0.94 6.16 17.78
CA GLY A 210 -0.12 6.87 18.73
C GLY A 210 0.86 7.80 18.05
N LYS A 211 2.10 7.74 18.51
CA LYS A 211 3.21 8.57 18.09
C LYS A 211 3.87 7.98 16.84
N LYS A 212 4.39 8.91 16.04
CA LYS A 212 4.84 8.54 14.71
C LYS A 212 6.06 7.65 14.74
N GLU A 213 6.70 7.61 15.92
CA GLU A 213 7.98 6.93 15.94
C GLU A 213 7.80 5.41 15.81
N ILE A 214 8.78 4.84 15.12
CA ILE A 214 8.95 3.47 14.73
C ILE A 214 10.35 2.92 15.01
N ARG A 215 10.37 1.64 15.32
CA ARG A 215 11.58 0.87 15.55
C ARG A 215 11.60 -0.33 14.61
N THR A 216 12.74 -0.52 13.95
CA THR A 216 12.82 -1.72 13.12
C THR A 216 13.22 -2.90 14.00
N MET A 217 12.85 -4.13 13.64
CA MET A 217 13.10 -5.26 14.53
C MET A 217 14.55 -5.72 14.41
N LYS A 218 14.99 -6.61 15.30
CA LYS A 218 16.39 -7.02 15.29
C LYS A 218 16.77 -7.65 13.95
N ASP A 219 15.75 -8.21 13.28
CA ASP A 219 15.85 -8.75 11.93
C ASP A 219 16.03 -7.72 10.86
N GLY A 220 16.04 -6.40 11.17
N GLY A 220 16.20 -6.46 11.27
CA GLY A 220 15.73 -5.61 9.96
CA GLY A 220 16.52 -5.30 10.47
C GLY A 220 14.23 -5.85 9.69
C GLY A 220 15.45 -5.00 9.45
N TRP A 221 13.87 -6.49 8.61
N TRP A 221 14.22 -5.42 9.70
CA TRP A 221 12.62 -6.59 7.89
CA TRP A 221 13.19 -5.43 8.65
C TRP A 221 11.46 -5.88 8.60
C TRP A 221 11.76 -5.22 9.13
N THR A 222 11.21 -6.20 9.86
CA THR A 222 9.93 -5.98 10.50
C THR A 222 9.93 -4.68 11.29
N VAL A 223 8.92 -3.86 11.00
CA VAL A 223 8.84 -2.55 11.60
C VAL A 223 7.65 -2.45 12.56
N LYS A 224 7.90 -1.97 13.77
CA LYS A 224 6.82 -1.83 14.74
C LYS A 224 6.76 -0.36 15.16
N THR A 225 5.68 0.06 15.77
CA THR A 225 5.53 1.37 16.38
C THR A 225 6.29 1.39 17.72
N LYS A 226 7.15 2.35 17.94
CA LYS A 226 7.82 2.52 19.24
C LYS A 226 6.86 2.48 20.42
N ASP A 227 5.67 3.06 20.36
CA ASP A 227 4.83 3.07 21.56
C ASP A 227 3.84 1.90 21.58
N ARG A 228 4.03 1.01 20.63
CA ARG A 228 3.18 -0.17 20.54
C ARG A 228 1.75 0.21 20.20
N SER A 229 1.52 1.40 19.65
CA SER A 229 0.17 1.73 19.18
C SER A 229 -0.15 0.96 17.92
N LEU A 230 -1.43 0.91 17.55
CA LEU A 230 -1.83 0.22 16.34
C LEU A 230 -1.33 1.01 15.13
N SER A 231 -1.01 0.38 14.01
CA SER A 231 -0.58 1.04 12.78
C SER A 231 -1.36 0.43 11.61
N ALA A 232 -1.77 1.31 10.69
CA ALA A 232 -2.51 0.96 9.51
C ALA A 232 -1.96 1.60 8.23
N GLN A 233 -2.21 0.86 7.15
CA GLN A 233 -1.82 1.28 5.80
C GLN A 233 -2.78 0.80 4.72
N TYR A 234 -2.94 1.66 3.71
CA TYR A 234 -3.59 1.33 2.45
C TYR A 234 -2.72 1.90 1.33
N GLU A 235 -2.74 1.17 0.21
CA GLU A 235 -1.94 1.56 -0.94
C GLU A 235 -2.69 1.34 -2.24
N HIS A 236 -2.51 2.33 -3.14
CA HIS A 236 -2.94 2.12 -4.53
C HIS A 236 -1.79 2.53 -5.47
N THR A 237 -1.73 1.90 -6.63
CA THR A 237 -0.95 2.27 -7.80
C THR A 237 -1.77 3.11 -8.79
N ILE A 238 -1.19 4.21 -9.29
CA ILE A 238 -1.90 5.10 -10.18
C ILE A 238 -1.04 5.52 -11.38
N VAL A 239 -1.72 6.11 -12.35
CA VAL A 239 -1.10 6.81 -13.46
C VAL A 239 -1.69 8.22 -13.46
N VAL A 240 -0.81 9.17 -13.68
CA VAL A 240 -1.19 10.56 -13.89
C VAL A 240 -1.73 10.69 -15.31
N THR A 241 -2.96 11.21 -15.46
CA THR A 241 -3.59 11.42 -16.74
C THR A 241 -3.55 12.90 -17.11
N ASP A 242 -4.14 13.27 -18.24
CA ASP A 242 -4.10 14.68 -18.65
C ASP A 242 -4.83 15.61 -17.72
N ASN A 243 -5.84 15.14 -16.97
CA ASN A 243 -6.49 16.06 -16.04
C ASN A 243 -6.78 15.38 -14.72
N GLY A 244 -5.90 14.44 -14.36
CA GLY A 244 -6.24 13.77 -13.10
C GLY A 244 -5.37 12.55 -12.91
N CYS A 245 -5.99 11.45 -12.51
CA CYS A 245 -5.27 10.20 -12.33
C CYS A 245 -6.28 9.07 -12.59
N GLU A 246 -5.67 7.94 -12.85
CA GLU A 246 -6.42 6.70 -12.96
C GLU A 246 -5.84 5.75 -11.91
N ILE A 247 -6.72 5.15 -11.13
CA ILE A 247 -6.26 4.16 -10.14
C ILE A 247 -6.16 2.79 -10.79
N LEU A 248 -4.96 2.17 -10.73
CA LEU A 248 -4.82 0.93 -11.44
C LEU A 248 -5.11 -0.31 -10.57
N THR A 249 -5.21 -0.12 -9.27
CA THR A 249 -5.42 -1.26 -8.37
C THR A 249 -6.72 -1.15 -7.59
N LEU A 250 -7.74 -0.53 -8.19
CA LEU A 250 -9.06 -0.48 -7.56
C LEU A 250 -9.76 -1.82 -7.42
N ARG A 251 -10.45 -1.99 -6.31
CA ARG A 251 -11.19 -3.16 -5.91
C ARG A 251 -12.70 -2.88 -5.88
N LYS A 252 -13.53 -3.92 -5.93
CA LYS A 252 -14.97 -3.69 -5.82
C LYS A 252 -15.37 -2.95 -4.56
N ASP A 253 -14.62 -3.13 -3.47
CA ASP A 253 -14.90 -2.52 -2.18
C ASP A 253 -14.36 -1.12 -2.02
N ASP A 254 -13.55 -0.62 -2.94
CA ASP A 254 -13.10 0.76 -2.92
C ASP A 254 -14.32 1.67 -3.13
N THR A 255 -14.34 2.85 -2.60
CA THR A 255 -15.48 3.75 -2.65
C THR A 255 -15.00 5.08 -3.19
N ILE A 256 -14.07 4.90 -4.11
CA ILE A 256 -13.55 6.03 -4.88
C ILE A 256 -13.62 5.65 -6.34
N PRO A 257 -13.97 6.54 -7.27
CA PRO A 257 -13.92 6.22 -8.68
C PRO A 257 -12.49 5.95 -9.18
N ALA A 258 -12.37 5.06 -10.16
CA ALA A 258 -11.11 4.64 -10.73
C ALA A 258 -10.48 5.77 -11.54
N ILE A 259 -11.34 6.65 -12.05
CA ILE A 259 -10.82 7.75 -12.86
C ILE A 259 -11.21 9.07 -12.22
N ILE A 260 -10.21 9.88 -11.89
CA ILE A 260 -10.49 11.14 -11.23
C ILE A 260 -10.14 12.29 -12.17
N SER A 261 -11.15 13.14 -12.39
CA SER A 261 -11.00 14.24 -13.31
C SER A 261 -11.21 15.62 -12.70
N HIS A 262 -10.28 16.52 -12.98
CA HIS A 262 -10.22 17.92 -12.64
C HIS A 262 -10.49 18.88 -13.80
N ASP A 263 -11.14 19.98 -13.47
CA ASP A 263 -11.51 21.15 -14.22
C ASP A 263 -12.99 21.48 -13.95
#